data_2WCA
#
_entry.id   2WCA
#
_cell.length_a   186.880
_cell.length_b   52.540
_cell.length_c   82.100
_cell.angle_alpha   90.00
_cell.angle_beta   98.34
_cell.angle_gamma   90.00
#
_symmetry.space_group_name_H-M   'C 1 2 1'
#
loop_
_entity.id
_entity.type
_entity.pdbx_description
1 polymer 'O-GLCNACASE BT_4395'
2 non-polymer '[[(3R,4R,5S,6R)-3-(BUTANOYLAMINO)-4,5-DIHYDROXY-6-(HYDROXYMETHYL)OXAN-2-YLIDENE]AMINO] N-PHENYLCARBAMATE'
3 non-polymer 'CALCIUM ION'
4 water water
#
_entity_poly.entity_id   1
_entity_poly.type   'polypeptide(L)'
_entity_poly.pdbx_seq_one_letter_code
;QNVSLQPPPQQLIVQNKTIDLPAVYQLNGGEEANPHAVKVLKELLSGKQSSKKGMLISIGEKGDKSVRKYSRQIPDHKEG
YYLSVNEKEIVLAGNDERGTYYALQTFAQLLKDGKLPEVEIKDYPSVRYRGVVEGFYGTPWSHQARLSQLKFYGKNKMNT
YIYGPKDDPYHSAPNWRLPYPDKEAAQLQELVAVANENEVDFVWAIHPGQDIKWNKEDRDLLLAKFEKMYQLGVRSFAVF
FDDISGEGTNPQKQAELLNYIDEKFAQVKPDINQLVMCPTEYNKSWSNPNGNYLTTLGDKLNPSIQIMWTGDRVISDITR
DGISWINERIKRPAYIWWNFPVSDYVRDHLLLGPVYGNDTTIAKEMSGFVTNPMEHAESSKIAIYSVASYAWNPAKYDTW
QTWKDAIRTILPSAAEELECFAMHNSDLGPNGHGYRREESMDIQPAAERFLKAFKEGKNYDKADFETLQYTFERMKESAD
ILLMNTENKPLIVEITPWVHQFKLTAEMGEEVLKMVEGRNESYFLRKYNHVKALQQQMFYIDQTSNQNPYQPGVKTATRV
IKPLIDRTFATVVKFFNQKFNAHLDATTDYMPHKMISNVEQIKNLPLQVKANRVLISPANEVVKWAAGNSVEIELDAIYP
GENIQINFGKDAPCTWGRLEISTDGKEWKTVDLKQKESRLSAGLQKAPVKFVRFTNVSDEEQQVYLRQFVLTIEKK
;
_entity_poly.pdbx_strand_id   A
#
# COMPACT_ATOMS: atom_id res chain seq x y z
N LEU A 5 8.26 9.32 -13.83
CA LEU A 5 9.15 9.02 -12.65
C LEU A 5 8.36 8.93 -11.38
N GLN A 6 8.49 7.77 -10.75
CA GLN A 6 7.79 7.47 -9.50
C GLN A 6 8.75 6.89 -8.47
N PRO A 7 8.81 7.50 -7.28
CA PRO A 7 8.22 8.80 -6.94
C PRO A 7 8.84 9.93 -7.77
N PRO A 8 8.10 11.05 -7.93
CA PRO A 8 8.66 12.22 -8.65
C PRO A 8 9.76 12.90 -7.85
N PRO A 9 10.93 13.11 -8.47
CA PRO A 9 12.07 13.84 -7.91
C PRO A 9 11.69 15.18 -7.29
N GLN A 10 12.46 15.62 -6.31
CA GLN A 10 12.27 16.94 -5.74
C GLN A 10 12.53 18.02 -6.79
N GLN A 11 13.53 17.78 -7.62
CA GLN A 11 13.90 18.70 -8.66
C GLN A 11 14.35 17.96 -9.91
N LEU A 12 13.87 18.42 -11.06
CA LEU A 12 14.05 17.75 -12.34
C LEU A 12 14.16 18.79 -13.46
N ILE A 13 15.26 18.75 -14.22
CA ILE A 13 15.38 19.55 -15.44
C ILE A 13 15.61 18.58 -16.60
N VAL A 14 14.70 18.59 -17.58
CA VAL A 14 14.78 17.72 -18.75
C VAL A 14 15.22 18.56 -19.92
N GLN A 15 16.23 18.09 -20.65
CA GLN A 15 16.87 18.90 -21.67
C GLN A 15 16.35 18.68 -23.09
N ASN A 16 15.34 17.81 -23.22
CA ASN A 16 14.62 17.63 -24.50
C ASN A 16 15.41 16.91 -25.62
N LYS A 17 16.67 16.60 -25.34
CA LYS A 17 17.48 15.72 -26.18
C LYS A 17 17.48 14.31 -25.60
N THR A 18 17.93 13.34 -26.40
CA THR A 18 17.98 11.94 -25.97
C THR A 18 19.26 11.28 -26.45
N ILE A 19 19.99 10.66 -25.55
CA ILE A 19 21.23 9.96 -25.89
C ILE A 19 21.06 8.45 -25.88
N ASP A 20 21.97 7.76 -26.54
CA ASP A 20 22.04 6.30 -26.46
C ASP A 20 22.75 5.91 -25.16
N LEU A 21 22.26 4.85 -24.52
CA LEU A 21 23.03 4.13 -23.51
C LEU A 21 24.30 3.75 -24.24
N PRO A 22 25.48 4.06 -23.66
CA PRO A 22 26.74 3.86 -24.36
C PRO A 22 26.98 2.41 -24.76
N ALA A 23 27.42 2.22 -26.00
CA ALA A 23 27.87 0.91 -26.45
C ALA A 23 29.16 0.54 -25.69
N VAL A 24 30.03 1.54 -25.50
CA VAL A 24 31.29 1.38 -24.76
C VAL A 24 31.35 2.45 -23.66
N TYR A 25 31.68 2.04 -22.44
CA TYR A 25 31.67 2.99 -21.31
C TYR A 25 32.90 2.87 -20.42
N GLN A 26 33.21 3.95 -19.70
CA GLN A 26 34.24 3.92 -18.68
C GLN A 26 33.57 4.04 -17.31
N LEU A 27 33.71 3.00 -16.50
CA LEU A 27 33.04 2.95 -15.21
C LEU A 27 33.98 3.40 -14.11
N ASN A 28 33.67 4.57 -13.57
CA ASN A 28 34.45 5.18 -12.53
C ASN A 28 33.67 5.16 -11.22
N GLY A 29 34.22 4.49 -10.21
CA GLY A 29 33.60 4.41 -8.88
C GLY A 29 33.05 3.04 -8.47
N GLY A 30 33.10 2.07 -9.38
CA GLY A 30 32.56 0.73 -9.13
C GLY A 30 33.03 -0.03 -7.91
N GLU A 31 34.25 0.26 -7.47
CA GLU A 31 34.80 -0.38 -6.30
C GLU A 31 34.57 0.38 -5.00
N GLU A 32 34.06 1.60 -5.08
CA GLU A 32 33.85 2.37 -3.85
C GLU A 32 32.44 2.95 -3.62
N ALA A 33 31.59 2.81 -4.62
CA ALA A 33 30.17 3.13 -4.48
C ALA A 33 29.45 1.96 -3.82
N ASN A 34 28.27 2.23 -3.26
CA ASN A 34 27.37 1.21 -2.71
C ASN A 34 27.26 0.03 -3.65
N PRO A 35 27.69 -1.17 -3.18
CA PRO A 35 27.61 -2.41 -3.95
C PRO A 35 26.20 -2.77 -4.44
N HIS A 36 25.17 -2.47 -3.65
CA HIS A 36 23.78 -2.64 -4.08
C HIS A 36 23.44 -1.79 -5.31
N ALA A 37 23.98 -0.57 -5.34
CA ALA A 37 23.77 0.30 -6.48
C ALA A 37 24.58 -0.11 -7.71
N VAL A 38 25.84 -0.50 -7.49
CA VAL A 38 26.71 -0.96 -8.57
C VAL A 38 26.09 -2.20 -9.21
N LYS A 39 25.49 -3.04 -8.38
CA LYS A 39 24.90 -4.28 -8.83
C LYS A 39 23.79 -4.00 -9.84
N VAL A 40 22.87 -3.10 -9.47
CA VAL A 40 21.82 -2.62 -10.36
C VAL A 40 22.39 -2.05 -11.66
N LEU A 41 23.37 -1.15 -11.54
CA LEU A 41 23.97 -0.50 -12.71
C LEU A 41 24.56 -1.52 -13.69
N LYS A 42 25.38 -2.43 -13.19
CA LYS A 42 25.96 -3.47 -14.04
C LYS A 42 24.91 -4.37 -14.68
N GLU A 43 23.79 -4.58 -14.00
CA GLU A 43 22.66 -5.29 -14.62
C GLU A 43 22.09 -4.52 -15.81
N LEU A 44 22.13 -3.19 -15.75
CA LEU A 44 21.55 -2.34 -16.79
C LEU A 44 22.35 -2.21 -18.09
N LEU A 45 23.59 -2.71 -18.11
CA LEU A 45 24.42 -2.61 -19.32
C LEU A 45 25.37 -3.78 -19.59
N SER A 46 25.31 -4.34 -20.80
CA SER A 46 26.17 -5.46 -21.18
C SER A 46 26.96 -5.21 -22.48
N GLY A 54 35.63 4.97 -23.78
CA GLY A 54 34.17 5.04 -23.87
C GLY A 54 33.59 6.20 -23.09
N MET A 55 32.26 6.31 -23.09
CA MET A 55 31.56 7.37 -22.35
C MET A 55 31.66 7.17 -20.83
N LEU A 56 32.05 8.21 -20.12
CA LEU A 56 32.27 8.15 -18.67
C LEU A 56 30.97 8.10 -17.87
N ILE A 57 30.95 7.21 -16.88
CA ILE A 57 29.85 7.08 -15.93
C ILE A 57 30.46 7.03 -14.55
N SER A 58 30.02 7.95 -13.69
CA SER A 58 30.61 8.06 -12.38
C SER A 58 29.58 7.71 -11.33
N ILE A 59 29.94 6.77 -10.47
CA ILE A 59 29.03 6.35 -9.43
C ILE A 59 29.72 6.48 -8.07
N GLY A 60 29.03 7.05 -7.09
CA GLY A 60 29.58 7.13 -5.75
C GLY A 60 28.76 7.94 -4.78
N GLU A 61 29.19 7.91 -3.52
CA GLU A 61 28.67 8.75 -2.45
C GLU A 61 29.59 9.95 -2.25
N LYS A 62 29.02 11.06 -1.82
CA LYS A 62 29.78 12.22 -1.41
C LYS A 62 30.99 11.75 -0.58
N GLY A 63 32.19 12.18 -0.99
CA GLY A 63 33.41 11.76 -0.31
C GLY A 63 34.19 10.70 -1.07
N ASP A 64 33.51 9.96 -1.94
CA ASP A 64 34.19 9.12 -2.92
C ASP A 64 35.03 9.97 -3.88
N LYS A 65 36.17 9.44 -4.26
CA LYS A 65 37.06 10.05 -5.24
C LYS A 65 36.31 10.26 -6.57
N SER A 66 35.50 9.28 -6.95
CA SER A 66 34.87 9.24 -8.26
C SER A 66 33.86 10.34 -8.51
N VAL A 67 33.20 10.81 -7.44
CA VAL A 67 32.20 11.89 -7.56
C VAL A 67 32.67 13.27 -7.04
N ARG A 68 33.98 13.45 -6.89
CA ARG A 68 34.52 14.69 -6.32
C ARG A 68 34.05 15.91 -7.09
N LYS A 69 34.13 15.84 -8.41
CA LYS A 69 33.72 16.92 -9.29
C LYS A 69 32.30 17.46 -9.03
N TYR A 70 31.40 16.61 -8.52
CA TYR A 70 29.99 16.94 -8.46
C TYR A 70 29.42 17.07 -7.05
N SER A 71 30.27 17.20 -6.04
CA SER A 71 29.80 17.15 -4.65
C SER A 71 28.93 18.35 -4.21
N ARG A 72 29.06 19.48 -4.90
CA ARG A 72 28.22 20.65 -4.63
C ARG A 72 26.82 20.47 -5.21
N GLN A 73 26.68 19.53 -6.14
CA GLN A 73 25.40 19.24 -6.78
C GLN A 73 24.62 18.16 -6.01
N ILE A 74 25.32 17.43 -5.14
CA ILE A 74 24.72 16.42 -4.31
C ILE A 74 23.96 17.07 -3.14
N PRO A 75 22.63 16.84 -3.03
CA PRO A 75 21.81 17.43 -1.95
C PRO A 75 22.22 16.99 -0.55
N ASP A 76 22.21 17.95 0.37
CA ASP A 76 22.63 17.72 1.74
C ASP A 76 21.44 17.21 2.57
N HIS A 77 20.96 16.02 2.21
CA HIS A 77 19.84 15.37 2.92
C HIS A 77 20.11 13.88 3.01
N LYS A 78 19.72 13.25 4.11
CA LYS A 78 19.75 11.79 4.16
C LYS A 78 18.98 11.20 2.97
N GLU A 79 19.56 10.18 2.36
CA GLU A 79 18.96 9.44 1.24
C GLU A 79 18.83 10.26 -0.05
N GLY A 80 19.48 11.42 -0.05
CA GLY A 80 19.50 12.29 -1.23
C GLY A 80 20.48 11.83 -2.29
N TYR A 81 20.34 12.37 -3.50
CA TYR A 81 21.25 12.06 -4.61
C TYR A 81 21.23 13.09 -5.71
N TYR A 82 22.31 13.14 -6.47
CA TYR A 82 22.39 13.92 -7.69
C TYR A 82 22.51 12.96 -8.86
N LEU A 83 21.70 13.19 -9.89
CA LEU A 83 21.78 12.39 -11.11
C LEU A 83 21.84 13.30 -12.33
N SER A 84 22.69 12.92 -13.28
CA SER A 84 22.89 13.70 -14.48
C SER A 84 23.11 12.82 -15.70
N VAL A 85 22.47 13.19 -16.80
CA VAL A 85 22.65 12.53 -18.06
C VAL A 85 22.79 13.60 -19.15
N ASN A 86 23.87 13.52 -19.92
CA ASN A 86 24.07 14.37 -21.08
C ASN A 86 25.02 13.75 -22.12
N GLU A 87 25.35 14.55 -23.13
CA GLU A 87 26.19 14.13 -24.25
C GLU A 87 27.47 13.42 -23.81
N LYS A 88 28.20 14.00 -22.86
CA LYS A 88 29.53 13.48 -22.54
C LYS A 88 29.61 12.51 -21.36
N GLU A 89 28.68 12.60 -20.40
CA GLU A 89 28.77 11.72 -19.23
C GLU A 89 27.46 11.47 -18.45
N ILE A 90 27.50 10.42 -17.63
CA ILE A 90 26.42 10.04 -16.74
C ILE A 90 26.95 10.09 -15.30
N VAL A 91 26.26 10.82 -14.45
CA VAL A 91 26.64 10.91 -13.05
C VAL A 91 25.53 10.32 -12.21
N LEU A 92 25.89 9.37 -11.36
CA LEU A 92 24.97 8.82 -10.37
C LEU A 92 25.63 8.97 -9.01
N ALA A 93 25.26 10.01 -8.26
CA ALA A 93 25.97 10.36 -7.02
C ALA A 93 25.06 10.59 -5.78
N GLY A 94 25.17 9.72 -4.78
CA GLY A 94 24.34 9.82 -3.59
C GLY A 94 24.99 10.64 -2.48
N ASN A 95 24.17 11.12 -1.57
CA ASN A 95 24.65 11.79 -0.37
C ASN A 95 25.16 10.78 0.67
N ASP A 96 24.67 9.57 0.55
CA ASP A 96 25.09 8.44 1.35
C ASP A 96 24.89 7.19 0.47
N GLU A 97 25.09 6.00 1.02
CA GLU A 97 24.97 4.77 0.23
C GLU A 97 23.57 4.49 -0.31
N ARG A 98 22.57 4.67 0.55
CA ARG A 98 21.21 4.43 0.15
C ARG A 98 20.82 5.40 -0.97
N GLY A 99 21.24 6.66 -0.83
CA GLY A 99 20.98 7.67 -1.83
C GLY A 99 21.48 7.32 -3.23
N THR A 100 22.66 6.71 -3.32
CA THR A 100 23.19 6.22 -4.62
C THR A 100 22.34 5.08 -5.18
N TYR A 101 21.91 4.19 -4.30
CA TYR A 101 20.98 3.16 -4.69
C TYR A 101 19.68 3.79 -5.27
N TYR A 102 19.12 4.78 -4.56
CA TYR A 102 17.96 5.55 -5.02
C TYR A 102 18.20 6.27 -6.39
N ALA A 103 19.42 6.76 -6.61
CA ALA A 103 19.81 7.31 -7.93
C ALA A 103 19.59 6.28 -9.04
N LEU A 104 20.01 5.06 -8.80
CA LEU A 104 19.88 3.97 -9.74
C LEU A 104 18.45 3.54 -9.97
N GLN A 105 17.60 3.66 -8.97
CA GLN A 105 16.21 3.28 -9.15
C GLN A 105 15.51 4.26 -10.09
N THR A 106 15.96 5.52 -10.04
CA THR A 106 15.46 6.54 -10.96
C THR A 106 16.06 6.32 -12.36
N PHE A 107 17.36 6.08 -12.41
CA PHE A 107 18.06 5.79 -13.67
C PHE A 107 17.39 4.66 -14.46
N ALA A 108 17.04 3.56 -13.76
CA ALA A 108 16.37 2.44 -14.44
C ALA A 108 15.04 2.84 -15.08
N GLN A 109 14.32 3.79 -14.46
CA GLN A 109 13.04 4.30 -14.95
C GLN A 109 13.22 5.25 -16.12
N LEU A 110 14.40 5.88 -16.23
CA LEU A 110 14.67 6.78 -17.35
C LEU A 110 15.04 5.99 -18.62
N LEU A 111 15.63 4.82 -18.41
CA LEU A 111 16.18 4.01 -19.51
C LEU A 111 15.08 3.26 -20.26
N LYS A 112 14.75 3.73 -21.47
CA LYS A 112 13.68 3.13 -22.28
C LYS A 112 14.15 2.86 -23.71
N ASP A 113 14.03 1.59 -24.13
CA ASP A 113 14.48 1.10 -25.45
C ASP A 113 15.93 1.46 -25.75
N GLY A 114 16.82 1.26 -24.77
CA GLY A 114 18.26 1.55 -24.94
C GLY A 114 18.61 3.02 -25.00
N LYS A 115 17.60 3.88 -24.81
CA LYS A 115 17.78 5.32 -24.92
C LYS A 115 17.50 6.04 -23.60
N LEU A 116 18.34 7.03 -23.29
CA LEU A 116 18.22 7.87 -22.10
C LEU A 116 17.90 9.31 -22.48
N PRO A 117 17.02 9.97 -21.70
CA PRO A 117 16.87 11.40 -21.95
C PRO A 117 18.00 12.16 -21.26
N GLU A 118 18.33 13.32 -21.81
CA GLU A 118 19.27 14.25 -21.20
C GLU A 118 18.52 14.98 -20.09
N VAL A 119 18.89 14.69 -18.84
CA VAL A 119 18.22 15.26 -17.66
C VAL A 119 19.19 15.52 -16.54
N GLU A 120 18.75 16.33 -15.58
CA GLU A 120 19.50 16.65 -14.38
C GLU A 120 18.54 16.64 -13.19
N ILE A 121 18.88 15.84 -12.16
CA ILE A 121 17.97 15.59 -11.05
C ILE A 121 18.62 15.83 -9.69
N LYS A 122 17.91 16.53 -8.81
CA LYS A 122 18.33 16.63 -7.42
C LYS A 122 17.17 16.13 -6.59
N ASP A 123 17.42 15.08 -5.81
CA ASP A 123 16.32 14.36 -5.16
C ASP A 123 16.68 13.92 -3.73
N TYR A 124 15.64 13.67 -2.94
CA TYR A 124 15.73 13.26 -1.55
C TYR A 124 14.28 13.14 -1.11
N PRO A 125 14.01 12.41 -0.02
CA PRO A 125 12.65 12.18 0.47
C PRO A 125 12.17 13.26 1.44
N SER A 126 10.88 13.60 1.42
CA SER A 126 10.40 14.61 2.35
C SER A 126 10.07 13.99 3.67
N VAL A 127 9.76 12.70 3.66
CA VAL A 127 9.47 11.96 4.90
C VAL A 127 10.58 10.96 5.20
N ARG A 128 11.09 10.97 6.42
CA ARG A 128 12.27 10.19 6.79
C ARG A 128 12.07 8.68 6.67
N TYR A 129 10.96 8.17 7.20
CA TYR A 129 10.68 6.73 7.15
C TYR A 129 9.44 6.48 6.31
N ARG A 130 9.53 5.54 5.38
CA ARG A 130 8.47 5.29 4.39
C ARG A 130 8.39 3.80 4.11
N GLY A 131 7.20 3.22 4.21
CA GLY A 131 7.00 1.83 3.83
C GLY A 131 5.74 1.17 4.36
N VAL A 132 5.89 -0.11 4.73
CA VAL A 132 4.75 -0.99 4.94
C VAL A 132 4.84 -1.63 6.35
N VAL A 133 3.73 -1.67 7.07
CA VAL A 133 3.66 -2.51 8.25
C VAL A 133 2.80 -3.77 7.97
N GLU A 134 3.34 -4.94 8.27
CA GLU A 134 2.61 -6.20 8.07
C GLU A 134 1.74 -6.46 9.31
N GLY A 135 0.69 -5.64 9.45
CA GLY A 135 -0.14 -5.63 10.66
C GLY A 135 -1.60 -6.00 10.52
N PHE A 136 -1.96 -6.68 9.44
CA PHE A 136 -3.36 -7.01 9.17
C PHE A 136 -3.70 -8.40 9.70
N TYR A 137 -4.96 -8.59 10.08
CA TYR A 137 -5.55 -9.90 10.38
C TYR A 137 -5.92 -10.62 9.09
N GLY A 138 -6.09 -11.94 9.16
CA GLY A 138 -6.35 -12.75 7.99
C GLY A 138 -5.19 -13.70 7.71
N THR A 139 -5.29 -14.44 6.61
CA THR A 139 -4.22 -15.33 6.18
C THR A 139 -2.92 -14.55 6.02
N PRO A 140 -1.92 -14.84 6.87
CA PRO A 140 -0.63 -14.20 6.67
C PRO A 140 -0.05 -14.44 5.27
N TRP A 141 0.70 -13.45 4.80
CA TRP A 141 1.50 -13.58 3.59
C TRP A 141 2.45 -14.77 3.67
N SER A 142 2.75 -15.33 2.51
CA SER A 142 3.74 -16.39 2.41
C SER A 142 5.15 -15.82 2.45
N HIS A 143 6.11 -16.72 2.64
CA HIS A 143 7.50 -16.35 2.58
C HIS A 143 7.85 -15.64 1.24
N GLN A 144 7.40 -16.24 0.13
CA GLN A 144 7.71 -15.71 -1.22
C GLN A 144 7.04 -14.37 -1.49
N ALA A 145 5.83 -14.18 -0.96
CA ALA A 145 5.14 -12.89 -1.07
C ALA A 145 6.01 -11.77 -0.48
N ARG A 146 6.67 -12.06 0.64
CA ARG A 146 7.48 -11.07 1.36
C ARG A 146 8.77 -10.75 0.65
N LEU A 147 9.41 -11.74 0.04
CA LEU A 147 10.59 -11.48 -0.78
C LEU A 147 10.23 -10.58 -1.97
N SER A 148 9.03 -10.74 -2.48
CA SER A 148 8.54 -9.95 -3.60
C SER A 148 8.22 -8.55 -3.14
N GLN A 149 7.62 -8.41 -1.96
CA GLN A 149 7.29 -7.10 -1.43
C GLN A 149 8.57 -6.29 -1.24
N LEU A 150 9.56 -6.90 -0.60
CA LEU A 150 10.83 -6.26 -0.32
C LEU A 150 11.50 -5.66 -1.56
N LYS A 151 11.46 -6.38 -2.67
CA LYS A 151 12.06 -5.91 -3.91
C LYS A 151 11.26 -4.76 -4.53
N PHE A 152 9.94 -4.82 -4.37
CA PHE A 152 9.06 -3.77 -4.80
C PHE A 152 9.33 -2.52 -3.94
N TYR A 153 9.61 -2.66 -2.63
CA TYR A 153 9.88 -1.46 -1.81
C TYR A 153 11.14 -0.74 -2.28
N GLY A 154 12.18 -1.52 -2.60
CA GLY A 154 13.44 -0.95 -3.06
C GLY A 154 13.27 -0.13 -4.32
N LYS A 155 12.56 -0.69 -5.29
CA LYS A 155 12.30 -0.02 -6.55
C LYS A 155 11.58 1.31 -6.36
N ASN A 156 10.73 1.36 -5.32
CA ASN A 156 9.92 2.54 -5.05
C ASN A 156 10.44 3.41 -3.89
N LYS A 157 11.69 3.14 -3.51
CA LYS A 157 12.40 3.93 -2.50
C LYS A 157 11.64 3.96 -1.17
N MET A 158 10.95 2.87 -0.83
CA MET A 158 10.44 2.71 0.54
C MET A 158 11.55 2.12 1.42
N ASN A 159 11.79 2.74 2.55
CA ASN A 159 12.94 2.31 3.34
C ASN A 159 12.62 1.44 4.55
N THR A 160 11.35 1.08 4.69
CA THR A 160 10.85 0.53 5.95
C THR A 160 9.87 -0.62 5.75
N TYR A 161 10.11 -1.71 6.47
CA TYR A 161 9.25 -2.87 6.46
C TYR A 161 9.12 -3.34 7.89
N ILE A 162 7.94 -3.22 8.47
CA ILE A 162 7.78 -3.66 9.85
C ILE A 162 7.17 -5.06 9.84
N TYR A 163 7.97 -6.05 10.14
CA TYR A 163 7.64 -7.45 10.04
C TYR A 163 6.70 -7.86 11.16
N GLY A 164 6.22 -9.11 11.16
CA GLY A 164 5.19 -9.54 12.09
C GLY A 164 4.04 -10.33 11.49
N PRO A 165 4.34 -11.29 10.63
CA PRO A 165 3.39 -12.34 10.26
C PRO A 165 2.66 -12.99 11.42
N LYS A 166 1.37 -13.22 11.32
CA LYS A 166 0.62 -13.73 12.46
C LYS A 166 0.72 -15.25 12.66
N ASP A 167 1.39 -15.94 11.73
CA ASP A 167 1.71 -17.36 11.90
C ASP A 167 3.15 -17.57 12.43
N ASP A 168 3.83 -16.46 12.74
CA ASP A 168 5.15 -16.49 13.39
C ASP A 168 5.07 -16.12 14.90
N PRO A 169 5.18 -17.14 15.78
CA PRO A 169 4.85 -16.94 17.21
C PRO A 169 5.97 -16.33 18.09
N TYR A 170 7.15 -16.12 17.49
CA TYR A 170 8.33 -15.74 18.24
C TYR A 170 8.50 -14.23 18.43
N HIS A 171 7.51 -13.47 18.00
CA HIS A 171 7.45 -12.04 18.26
C HIS A 171 6.26 -11.66 19.12
N SER A 172 5.52 -12.66 19.59
CA SER A 172 4.31 -12.45 20.38
C SER A 172 4.29 -13.26 21.67
N ALA A 173 3.44 -12.85 22.62
CA ALA A 173 3.22 -13.58 23.87
C ALA A 173 2.73 -14.99 23.59
N PRO A 174 3.42 -16.03 24.11
CA PRO A 174 4.56 -16.01 25.03
C PRO A 174 5.93 -16.39 24.43
N ASN A 175 5.97 -16.81 23.18
CA ASN A 175 7.21 -17.28 22.61
C ASN A 175 8.17 -16.14 22.20
N TRP A 176 7.80 -14.89 22.50
CA TRP A 176 8.71 -13.75 22.26
C TRP A 176 9.99 -13.87 23.09
N ARG A 177 9.83 -14.33 24.33
CA ARG A 177 10.94 -14.70 25.20
C ARG A 177 11.87 -15.76 24.60
N LEU A 178 11.33 -16.61 23.74
CA LEU A 178 12.10 -17.74 23.21
C LEU A 178 12.72 -17.37 21.87
N PRO A 179 13.91 -17.88 21.58
CA PRO A 179 14.54 -17.54 20.32
C PRO A 179 13.96 -18.34 19.18
N TYR A 180 14.13 -17.82 17.97
CA TYR A 180 13.69 -18.48 16.75
C TYR A 180 14.36 -19.83 16.61
N PRO A 181 13.57 -20.87 16.26
CA PRO A 181 14.11 -22.16 15.84
C PRO A 181 14.96 -22.03 14.60
N ASP A 182 15.84 -23.02 14.40
CA ASP A 182 16.80 -22.99 13.31
C ASP A 182 16.18 -22.68 11.95
N LYS A 183 15.20 -23.49 11.54
CA LYS A 183 14.65 -23.38 10.19
C LYS A 183 13.93 -22.04 9.93
N GLU A 184 13.15 -21.57 10.91
CA GLU A 184 12.50 -20.26 10.85
C GLU A 184 13.51 -19.10 10.85
N ALA A 185 14.54 -19.23 11.68
CA ALA A 185 15.58 -18.23 11.80
C ALA A 185 16.21 -17.96 10.45
N ALA A 186 16.54 -19.01 9.71
CA ALA A 186 17.22 -18.89 8.42
C ALA A 186 16.34 -18.19 7.38
N GLN A 187 15.04 -18.43 7.44
CA GLN A 187 14.06 -17.73 6.60
C GLN A 187 14.02 -16.22 6.88
N LEU A 188 13.99 -15.87 8.16
CA LEU A 188 14.02 -14.49 8.56
C LEU A 188 15.31 -13.87 8.03
N GLN A 189 16.41 -14.58 8.26
CA GLN A 189 17.72 -14.23 7.77
C GLN A 189 17.71 -13.92 6.26
N GLU A 190 16.99 -14.73 5.48
CA GLU A 190 16.81 -14.47 4.04
C GLU A 190 16.03 -13.16 3.80
N LEU A 191 14.97 -12.91 4.57
CA LEU A 191 14.24 -11.65 4.49
C LEU A 191 15.20 -10.48 4.78
N VAL A 192 15.95 -10.57 5.87
CA VAL A 192 16.87 -9.51 6.27
C VAL A 192 17.89 -9.23 5.15
N ALA A 193 18.44 -10.28 4.57
CA ALA A 193 19.44 -10.12 3.52
C ALA A 193 18.84 -9.42 2.30
N VAL A 194 17.64 -9.85 1.88
CA VAL A 194 16.98 -9.26 0.69
C VAL A 194 16.61 -7.82 0.94
N ALA A 195 16.12 -7.52 2.14
CA ALA A 195 15.84 -6.16 2.59
C ALA A 195 17.09 -5.27 2.51
N ASN A 196 18.20 -5.74 3.10
CA ASN A 196 19.52 -5.07 3.01
C ASN A 196 19.89 -4.68 1.57
N GLU A 197 19.81 -5.67 0.68
CA GLU A 197 20.13 -5.54 -0.76
C GLU A 197 19.27 -4.51 -1.50
N ASN A 198 18.07 -4.27 -0.99
CA ASN A 198 17.13 -3.39 -1.62
C ASN A 198 17.00 -2.11 -0.83
N GLU A 199 17.86 -1.98 0.17
CA GLU A 199 17.95 -0.78 1.00
C GLU A 199 16.71 -0.54 1.86
N VAL A 200 16.12 -1.62 2.35
CA VAL A 200 14.97 -1.54 3.25
C VAL A 200 15.42 -1.90 4.65
N ASP A 201 14.99 -1.11 5.63
CA ASP A 201 15.16 -1.46 7.04
C ASP A 201 14.16 -2.54 7.38
N PHE A 202 14.66 -3.75 7.56
CA PHE A 202 13.88 -4.78 8.19
C PHE A 202 13.67 -4.39 9.68
N VAL A 203 12.44 -4.04 10.05
CA VAL A 203 12.14 -3.62 11.42
C VAL A 203 11.43 -4.76 12.16
N TRP A 204 12.09 -5.36 13.15
CA TRP A 204 11.52 -6.49 13.85
C TRP A 204 10.68 -5.95 14.99
N ALA A 205 9.41 -6.31 14.97
CA ALA A 205 8.51 -5.79 15.95
C ALA A 205 8.23 -6.87 16.97
N ILE A 206 8.34 -6.49 18.24
CA ILE A 206 7.99 -7.37 19.36
C ILE A 206 6.64 -6.95 19.96
N HIS A 207 5.83 -7.97 20.24
CA HIS A 207 4.50 -7.78 20.77
C HIS A 207 4.40 -8.53 22.11
N PRO A 208 4.97 -7.93 23.18
CA PRO A 208 5.05 -8.58 24.48
C PRO A 208 3.85 -8.27 25.37
N GLY A 209 3.11 -7.22 25.01
CA GLY A 209 2.07 -6.63 25.88
C GLY A 209 1.14 -7.56 26.63
N GLN A 210 0.81 -8.69 26.02
CA GLN A 210 -0.18 -9.60 26.55
C GLN A 210 0.24 -10.25 27.89
N ASP A 211 1.55 -10.46 28.08
CA ASP A 211 2.04 -11.19 29.24
C ASP A 211 3.37 -10.66 29.77
N ILE A 212 3.60 -9.35 29.70
CA ILE A 212 4.83 -8.78 30.27
C ILE A 212 4.61 -8.15 31.65
N LYS A 213 5.61 -8.32 32.52
CA LYS A 213 5.59 -7.73 33.87
C LYS A 213 6.71 -6.72 34.03
N TRP A 214 6.47 -5.68 34.84
CA TRP A 214 7.52 -4.71 35.12
C TRP A 214 8.49 -5.22 36.19
N ASN A 215 9.36 -6.14 35.79
CA ASN A 215 10.42 -6.62 36.67
C ASN A 215 11.69 -6.90 35.88
N LYS A 216 12.82 -6.91 36.58
CA LYS A 216 14.16 -7.14 36.00
C LYS A 216 14.21 -8.32 35.02
N GLU A 217 13.41 -9.36 35.29
CA GLU A 217 13.47 -10.60 34.52
C GLU A 217 12.93 -10.48 33.09
N ASP A 218 11.68 -10.04 32.96
CA ASP A 218 11.09 -9.77 31.64
C ASP A 218 11.85 -8.65 30.93
N ARG A 219 12.32 -7.68 31.71
CA ARG A 219 13.13 -6.58 31.23
C ARG A 219 14.34 -7.01 30.37
N ASP A 220 15.17 -7.94 30.85
CA ASP A 220 16.28 -8.38 29.99
C ASP A 220 16.11 -9.72 29.27
N LEU A 221 14.93 -10.30 29.37
CA LEU A 221 14.56 -11.33 28.40
C LEU A 221 14.30 -10.66 27.07
N LEU A 222 13.71 -9.45 27.13
CA LEU A 222 13.52 -8.60 25.97
C LEU A 222 14.86 -8.17 25.37
N LEU A 223 15.73 -7.60 26.21
CA LEU A 223 17.08 -7.26 25.78
C LEU A 223 17.80 -8.43 25.14
N ALA A 224 17.77 -9.58 25.81
CA ALA A 224 18.43 -10.77 25.30
C ALA A 224 17.82 -11.16 23.95
N LYS A 225 16.51 -11.01 23.82
CA LYS A 225 15.83 -11.33 22.56
C LYS A 225 16.29 -10.41 21.43
N PHE A 226 16.36 -9.12 21.72
CA PHE A 226 16.84 -8.13 20.77
C PHE A 226 18.27 -8.42 20.32
N GLU A 227 19.09 -8.84 21.28
CA GLU A 227 20.46 -9.22 20.99
C GLU A 227 20.50 -10.41 20.01
N LYS A 228 19.73 -11.45 20.31
CA LYS A 228 19.58 -12.62 19.39
C LYS A 228 19.14 -12.19 17.97
N MET A 229 18.17 -11.29 17.90
CA MET A 229 17.73 -10.74 16.62
C MET A 229 18.85 -9.98 15.91
N TYR A 230 19.63 -9.23 16.69
CA TYR A 230 20.85 -8.59 16.20
C TYR A 230 21.82 -9.59 15.57
N GLN A 231 22.09 -10.71 16.25
CA GLN A 231 23.00 -11.74 15.68
C GLN A 231 22.48 -12.27 14.35
N LEU A 232 21.16 -12.22 14.15
CA LEU A 232 20.54 -12.70 12.91
C LEU A 232 20.57 -11.67 11.78
N GLY A 233 21.05 -10.47 12.09
CA GLY A 233 21.18 -9.41 11.10
C GLY A 233 20.22 -8.25 11.23
N VAL A 234 19.30 -8.32 12.19
CA VAL A 234 18.30 -7.27 12.35
C VAL A 234 18.96 -6.01 12.87
N ARG A 235 18.68 -4.89 12.21
CA ARG A 235 19.24 -3.60 12.60
C ARG A 235 18.20 -2.56 13.04
N SER A 236 16.92 -2.88 12.95
CA SER A 236 15.84 -1.96 13.40
C SER A 236 14.79 -2.72 14.19
N PHE A 237 14.13 -2.02 15.12
CA PHE A 237 13.31 -2.67 16.15
C PHE A 237 12.07 -1.84 16.48
N ALA A 238 10.98 -2.55 16.77
CA ALA A 238 9.79 -1.90 17.25
C ALA A 238 9.25 -2.67 18.45
N VAL A 239 8.58 -1.97 19.36
CA VAL A 239 7.98 -2.60 20.52
C VAL A 239 6.53 -2.16 20.56
N PHE A 240 5.59 -3.11 20.64
CA PHE A 240 4.17 -2.77 20.63
C PHE A 240 3.48 -2.80 21.99
N PHE A 241 2.73 -1.74 22.30
CA PHE A 241 1.96 -1.65 23.54
C PHE A 241 0.44 -1.46 23.34
N ASP A 242 -0.01 -1.57 22.10
CA ASP A 242 -1.44 -1.50 21.77
C ASP A 242 -2.28 -2.57 22.47
N ASP A 243 -1.69 -3.74 22.68
CA ASP A 243 -2.38 -4.89 23.29
C ASP A 243 -2.03 -5.12 24.78
N ILE A 244 -1.44 -4.13 25.43
CA ILE A 244 -1.00 -4.29 26.82
C ILE A 244 -2.13 -4.05 27.83
N SER A 245 -2.03 -4.69 28.99
CA SER A 245 -3.09 -4.71 29.98
C SER A 245 -2.63 -4.34 31.39
N GLY A 246 -3.53 -3.68 32.12
CA GLY A 246 -3.33 -3.40 33.55
C GLY A 246 -2.22 -2.42 33.85
N GLU A 247 -1.25 -2.84 34.66
CA GLU A 247 -0.14 -1.98 35.06
C GLU A 247 0.74 -1.65 33.84
N GLY A 248 0.63 -2.51 32.81
CA GLY A 248 1.36 -2.34 31.57
C GLY A 248 0.96 -1.14 30.71
N THR A 249 -0.16 -0.50 31.05
CA THR A 249 -0.59 0.72 30.34
C THR A 249 0.00 1.98 30.95
N ASN A 250 0.95 1.83 31.88
CA ASN A 250 1.60 2.96 32.55
C ASN A 250 2.67 3.57 31.64
N PRO A 251 2.45 4.83 31.20
CA PRO A 251 3.37 5.42 30.24
C PRO A 251 4.77 5.69 30.79
N GLN A 252 4.89 5.92 32.10
CA GLN A 252 6.23 6.04 32.73
C GLN A 252 6.97 4.72 32.64
N LYS A 253 6.27 3.63 32.98
CA LYS A 253 6.85 2.31 32.91
C LYS A 253 7.25 1.95 31.47
N GLN A 254 6.41 2.32 30.50
CA GLN A 254 6.72 2.08 29.08
C GLN A 254 7.93 2.87 28.63
N ALA A 255 7.90 4.19 28.88
CA ALA A 255 9.05 5.05 28.57
C ALA A 255 10.36 4.48 29.14
N GLU A 256 10.31 4.10 30.41
CA GLU A 256 11.47 3.61 31.15
C GLU A 256 12.04 2.34 30.54
N LEU A 257 11.16 1.42 30.15
CA LEU A 257 11.59 0.22 29.43
C LEU A 257 12.27 0.53 28.08
N LEU A 258 11.67 1.42 27.31
CA LEU A 258 12.18 1.76 25.95
C LEU A 258 13.51 2.54 26.01
N ASN A 259 13.58 3.47 26.97
CA ASN A 259 14.81 4.23 27.24
C ASN A 259 15.93 3.30 27.69
N TYR A 260 15.58 2.29 28.48
CA TYR A 260 16.53 1.26 28.87
C TYR A 260 17.04 0.48 27.66
N ILE A 261 16.12 0.09 26.77
CA ILE A 261 16.47 -0.55 25.49
C ILE A 261 17.35 0.37 24.62
N ASP A 262 16.97 1.63 24.53
CA ASP A 262 17.78 2.65 23.89
C ASP A 262 19.20 2.72 24.50
N GLU A 263 19.27 2.88 25.82
CA GLU A 263 20.55 3.08 26.51
C GLU A 263 21.47 1.86 26.47
N LYS A 264 20.89 0.67 26.64
CA LYS A 264 21.66 -0.57 26.72
C LYS A 264 21.95 -1.27 25.37
N PHE A 265 21.25 -0.86 24.31
CA PHE A 265 21.27 -1.62 23.07
C PHE A 265 21.36 -0.69 21.84
N ALA A 266 20.35 0.16 21.65
CA ALA A 266 20.28 1.01 20.47
C ALA A 266 21.47 1.96 20.42
N GLN A 267 21.93 2.42 21.59
CA GLN A 267 23.07 3.34 21.69
C GLN A 267 24.39 2.64 21.94
N VAL A 268 24.35 1.34 22.20
CA VAL A 268 25.56 0.57 22.46
C VAL A 268 26.07 -0.09 21.18
N LYS A 269 25.15 -0.38 20.27
CA LYS A 269 25.48 -0.98 18.98
C LYS A 269 25.87 0.09 17.96
N PRO A 270 26.73 -0.28 17.01
CA PRO A 270 27.18 0.72 16.04
C PRO A 270 26.12 1.09 15.01
N ASP A 271 25.25 0.16 14.65
CA ASP A 271 24.48 0.30 13.41
C ASP A 271 22.98 0.08 13.53
N ILE A 272 22.39 0.54 14.62
CA ILE A 272 20.97 0.45 14.77
C ILE A 272 20.33 1.67 14.14
N ASN A 273 19.40 1.41 13.21
CA ASN A 273 18.71 2.47 12.49
C ASN A 273 17.43 2.99 13.13
N GLN A 274 16.37 2.20 13.08
CA GLN A 274 15.10 2.64 13.64
C GLN A 274 14.82 1.99 14.99
N LEU A 275 14.24 2.78 15.88
CA LEU A 275 13.68 2.30 17.13
C LEU A 275 12.33 2.95 17.33
N VAL A 276 11.28 2.13 17.31
CA VAL A 276 9.92 2.64 17.26
C VAL A 276 9.06 1.95 18.29
N MET A 277 8.07 2.66 18.81
CA MET A 277 7.11 2.06 19.73
C MET A 277 5.68 2.39 19.31
N CYS A 278 4.78 1.45 19.60
CA CYS A 278 3.38 1.68 19.38
C CYS A 278 2.70 1.94 20.71
N PRO A 279 2.09 3.12 20.87
CA PRO A 279 1.47 3.46 22.16
C PRO A 279 0.12 2.79 22.36
N THR A 280 -0.36 2.80 23.60
CA THR A 280 -1.63 2.21 23.93
C THR A 280 -2.75 3.14 23.45
N GLU A 281 -2.49 4.45 23.50
CA GLU A 281 -3.34 5.45 22.87
C GLU A 281 -2.73 5.78 21.50
N TYR A 282 -3.21 5.11 20.46
CA TYR A 282 -2.65 5.31 19.13
C TYR A 282 -3.57 6.01 18.13
N ASN A 283 -4.71 6.49 18.59
CA ASN A 283 -5.47 7.49 17.86
C ASN A 283 -6.24 8.42 18.79
N LYS A 284 -6.60 9.60 18.28
CA LYS A 284 -7.25 10.62 19.09
C LYS A 284 -8.48 10.08 19.82
N SER A 285 -9.32 9.29 19.15
CA SER A 285 -10.59 8.85 19.73
C SER A 285 -10.43 7.78 20.80
N TRP A 286 -9.26 7.18 20.90
CA TRP A 286 -8.97 6.21 21.95
C TRP A 286 -8.06 6.82 22.98
N SER A 287 -8.05 8.16 23.01
CA SER A 287 -7.25 8.91 23.94
C SER A 287 -8.14 9.53 25.01
N ASN A 288 -7.83 9.23 26.26
CA ASN A 288 -8.55 9.80 27.40
C ASN A 288 -8.25 11.29 27.62
N PRO A 289 -9.27 12.15 27.46
CA PRO A 289 -9.06 13.60 27.61
C PRO A 289 -8.64 13.99 29.04
N ASN A 290 -9.13 13.25 30.03
CA ASN A 290 -8.79 13.52 31.42
C ASN A 290 -7.45 12.92 31.83
N GLY A 291 -7.05 11.87 31.13
CA GLY A 291 -5.79 11.20 31.42
C GLY A 291 -4.59 12.01 30.97
N ASN A 292 -3.40 11.44 31.17
CA ASN A 292 -2.16 12.11 30.78
C ASN A 292 -1.19 11.16 30.07
N TYR A 293 -1.74 10.12 29.46
CA TYR A 293 -0.92 9.13 28.74
C TYR A 293 0.09 9.70 27.74
N LEU A 294 -0.35 10.54 26.82
CA LEU A 294 0.52 10.90 25.70
C LEU A 294 1.54 11.97 26.05
N THR A 295 1.13 12.98 26.82
CA THR A 295 2.07 14.02 27.29
C THR A 295 3.16 13.42 28.18
N THR A 296 2.74 12.51 29.07
CA THR A 296 3.68 11.76 29.91
C THR A 296 4.69 11.02 29.02
N LEU A 297 4.17 10.25 28.08
CA LEU A 297 5.01 9.49 27.15
C LEU A 297 5.95 10.44 26.40
N GLY A 298 5.38 11.52 25.88
CA GLY A 298 6.13 12.53 25.15
C GLY A 298 7.17 13.31 25.95
N ASP A 299 6.93 13.46 27.27
CA ASP A 299 7.93 14.08 28.17
C ASP A 299 9.05 13.10 28.52
N LYS A 300 8.72 11.84 28.76
CA LYS A 300 9.71 10.89 29.30
C LYS A 300 10.40 9.97 28.29
N LEU A 301 9.85 9.83 27.09
CA LEU A 301 10.47 8.96 26.10
C LEU A 301 11.65 9.66 25.46
N ASN A 302 12.80 8.99 25.41
CA ASN A 302 13.96 9.53 24.71
C ASN A 302 13.61 10.07 23.32
N PRO A 303 14.29 11.14 22.88
CA PRO A 303 13.90 11.82 21.64
C PRO A 303 14.19 11.01 20.38
N SER A 304 15.05 10.01 20.48
CA SER A 304 15.42 9.22 19.31
C SER A 304 14.42 8.09 18.99
N ILE A 305 13.39 7.94 19.84
CA ILE A 305 12.43 6.84 19.74
C ILE A 305 11.11 7.36 19.15
N GLN A 306 10.66 6.71 18.07
CA GLN A 306 9.42 7.15 17.39
C GLN A 306 8.16 6.69 18.11
N ILE A 307 7.11 7.47 17.98
CA ILE A 307 5.81 7.05 18.45
C ILE A 307 4.87 6.90 17.26
N MET A 308 4.34 5.71 17.07
CA MET A 308 3.39 5.43 16.01
C MET A 308 2.01 6.00 16.34
N TRP A 309 1.25 6.36 15.30
CA TRP A 309 -0.04 7.03 15.44
C TRP A 309 -0.85 6.79 14.16
N THR A 310 -2.16 6.55 14.30
CA THR A 310 -3.02 6.29 13.14
C THR A 310 -3.86 7.51 12.78
N GLY A 311 -3.71 8.59 13.54
CA GLY A 311 -4.48 9.80 13.33
C GLY A 311 -5.62 9.91 14.33
N ASP A 312 -6.75 10.47 13.87
CA ASP A 312 -7.90 10.80 14.71
C ASP A 312 -8.82 9.62 15.06
N ARG A 313 -8.74 8.56 14.27
CA ARG A 313 -9.53 7.36 14.47
C ARG A 313 -8.66 6.21 14.00
N VAL A 314 -9.05 4.98 14.31
CA VAL A 314 -8.29 3.80 13.87
C VAL A 314 -8.08 3.84 12.36
N ILE A 315 -9.16 4.06 11.63
CA ILE A 315 -9.05 4.30 10.20
C ILE A 315 -9.33 5.76 9.92
N SER A 316 -8.30 6.49 9.51
CA SER A 316 -8.48 7.88 9.15
C SER A 316 -7.34 8.34 8.27
N ASP A 317 -7.59 9.43 7.54
CA ASP A 317 -6.58 10.07 6.70
C ASP A 317 -5.97 11.21 7.50
N ILE A 318 -4.68 11.45 7.34
CA ILE A 318 -4.00 12.40 8.22
C ILE A 318 -4.18 13.83 7.74
N THR A 319 -4.56 14.69 8.70
CA THR A 319 -4.80 16.11 8.43
C THR A 319 -3.78 16.99 9.20
N ARG A 320 -3.74 18.28 8.89
CA ARG A 320 -2.86 19.22 9.59
C ARG A 320 -3.29 19.42 11.06
N ASP A 321 -4.60 19.51 11.29
CA ASP A 321 -5.12 19.61 12.66
C ASP A 321 -4.82 18.34 13.46
N GLY A 322 -5.01 17.19 12.81
CA GLY A 322 -4.74 15.89 13.42
C GLY A 322 -3.29 15.76 13.84
N ILE A 323 -2.37 16.10 12.93
CA ILE A 323 -0.94 15.95 13.16
C ILE A 323 -0.42 16.99 14.17
N SER A 324 -1.05 18.17 14.23
CA SER A 324 -0.67 19.19 15.22
C SER A 324 -1.03 18.67 16.59
N TRP A 325 -2.25 18.16 16.71
CA TRP A 325 -2.80 17.71 17.98
C TRP A 325 -1.94 16.63 18.64
N ILE A 326 -1.44 15.68 17.85
CA ILE A 326 -0.56 14.65 18.38
C ILE A 326 0.88 15.13 18.58
N ASN A 327 1.41 15.90 17.64
CA ASN A 327 2.80 16.34 17.71
C ASN A 327 3.06 17.23 18.92
N GLU A 328 2.05 18.02 19.27
CA GLU A 328 2.08 18.88 20.46
C GLU A 328 2.23 18.09 21.76
N ARG A 329 1.69 16.86 21.79
CA ARG A 329 1.67 16.03 22.99
C ARG A 329 2.86 15.08 23.18
N ILE A 330 3.30 14.42 22.11
CA ILE A 330 4.44 13.50 22.20
C ILE A 330 5.78 14.24 22.00
N LYS A 331 5.65 15.54 21.72
CA LYS A 331 6.80 16.46 21.58
C LYS A 331 7.80 15.96 20.54
N ARG A 332 7.28 15.29 19.52
CA ARG A 332 8.05 14.88 18.33
C ARG A 332 7.08 14.67 17.15
N PRO A 333 7.61 14.67 15.90
CA PRO A 333 6.75 14.41 14.74
C PRO A 333 6.26 12.96 14.78
N ALA A 334 4.95 12.76 14.71
CA ALA A 334 4.39 11.42 14.81
C ALA A 334 4.85 10.51 13.67
N TYR A 335 4.85 9.22 13.97
CA TYR A 335 5.24 8.22 13.01
C TYR A 335 3.92 7.60 12.56
N ILE A 336 3.45 8.00 11.39
CA ILE A 336 2.08 7.65 10.97
C ILE A 336 1.90 6.21 10.47
N TRP A 337 0.90 5.55 11.05
CA TRP A 337 0.45 4.25 10.61
C TRP A 337 -0.88 4.48 9.95
N TRP A 338 -0.93 4.25 8.64
CA TRP A 338 -2.17 4.49 7.91
C TRP A 338 -2.88 3.16 7.57
N ASN A 339 -4.08 3.00 8.12
CA ASN A 339 -4.84 1.77 7.94
C ASN A 339 -5.60 1.74 6.61
N PHE A 340 -4.84 1.77 5.51
CA PHE A 340 -5.35 1.57 4.16
C PHE A 340 -4.17 1.08 3.35
N PRO A 341 -4.37 0.08 2.47
CA PRO A 341 -5.61 -0.55 2.02
C PRO A 341 -6.08 -1.75 2.85
N VAL A 342 -5.52 -1.96 4.03
CA VAL A 342 -5.99 -3.04 4.88
C VAL A 342 -7.52 -3.20 4.81
N SER A 343 -7.97 -4.43 4.59
CA SER A 343 -9.38 -4.72 4.38
C SER A 343 -9.84 -5.81 5.34
N ASP A 344 -9.03 -6.07 6.38
CA ASP A 344 -9.31 -7.15 7.32
C ASP A 344 -10.58 -6.97 8.15
N TYR A 345 -11.30 -5.86 7.94
CA TYR A 345 -12.62 -5.62 8.59
C TYR A 345 -13.75 -5.45 7.56
N VAL A 346 -13.42 -5.68 6.30
CA VAL A 346 -14.33 -5.64 5.15
C VAL A 346 -13.80 -6.70 4.16
N ARG A 347 -13.47 -7.86 4.73
CA ARG A 347 -12.78 -8.94 4.05
C ARG A 347 -13.42 -9.40 2.76
N ASP A 348 -14.68 -9.01 2.54
CA ASP A 348 -15.35 -9.41 1.32
C ASP A 348 -15.17 -8.42 0.17
N HIS A 349 -14.45 -7.34 0.48
CA HIS A 349 -14.11 -6.30 -0.46
C HIS A 349 -12.62 -6.30 -0.76
N LEU A 350 -12.31 -5.97 -2.01
CA LEU A 350 -10.96 -5.62 -2.37
C LEU A 350 -10.91 -4.13 -2.46
N LEU A 351 -9.84 -3.54 -1.97
CA LEU A 351 -9.63 -2.09 -2.02
C LEU A 351 -8.50 -1.74 -2.97
N LEU A 352 -8.86 -1.58 -4.23
CA LEU A 352 -7.87 -1.34 -5.27
C LEU A 352 -7.90 0.07 -5.77
N GLY A 353 -8.59 0.97 -5.03
CA GLY A 353 -8.68 2.39 -5.47
C GLY A 353 -7.39 3.17 -5.29
N PRO A 354 -7.35 4.40 -5.79
CA PRO A 354 -6.28 5.37 -5.51
C PRO A 354 -6.08 5.68 -4.03
N VAL A 355 -4.90 6.21 -3.73
CA VAL A 355 -4.55 6.58 -2.37
C VAL A 355 -4.70 8.07 -2.29
N TYR A 356 -5.59 8.51 -1.40
CA TYR A 356 -5.93 9.93 -1.28
C TYR A 356 -6.42 10.26 0.13
N GLY A 357 -6.46 11.55 0.44
CA GLY A 357 -7.02 11.99 1.72
C GLY A 357 -5.95 12.51 2.68
N ASN A 358 -4.70 12.13 2.45
CA ASN A 358 -3.68 12.54 3.37
C ASN A 358 -3.17 13.91 2.97
N ASP A 359 -2.98 14.78 3.96
CA ASP A 359 -2.56 16.16 3.66
C ASP A 359 -1.15 16.13 3.06
N THR A 360 -0.91 16.99 2.07
CA THR A 360 0.32 16.98 1.29
C THR A 360 1.34 18.06 1.69
N THR A 361 1.00 18.87 2.70
CA THR A 361 1.87 19.97 3.11
C THR A 361 2.55 19.68 4.44
N ILE A 362 2.22 18.54 5.05
CA ILE A 362 2.62 18.26 6.42
C ILE A 362 3.81 17.30 6.57
N ALA A 363 4.70 17.27 5.59
CA ALA A 363 5.80 16.33 5.59
C ALA A 363 6.76 16.55 6.78
N LYS A 364 6.98 17.81 7.13
CA LYS A 364 7.88 18.15 8.22
C LYS A 364 7.29 17.67 9.55
N GLU A 365 5.96 17.49 9.60
CA GLU A 365 5.28 17.10 10.83
C GLU A 365 5.20 15.59 11.06
N MET A 366 5.78 14.78 10.17
CA MET A 366 5.76 13.34 10.38
C MET A 366 7.12 12.69 10.20
N SER A 367 7.44 11.79 11.13
CA SER A 367 8.74 11.12 11.11
C SER A 367 8.71 9.93 10.19
N GLY A 368 7.52 9.37 10.01
CA GLY A 368 7.38 8.17 9.23
C GLY A 368 5.99 8.13 8.67
N PHE A 369 5.84 7.35 7.61
CA PHE A 369 4.52 7.04 7.08
C PHE A 369 4.53 5.65 6.49
N VAL A 370 3.75 4.78 7.11
CA VAL A 370 3.67 3.39 6.72
C VAL A 370 2.24 3.03 6.49
N THR A 371 2.02 2.23 5.45
CA THR A 371 0.71 1.67 5.15
C THR A 371 0.58 0.23 5.67
N ASN A 372 -0.59 -0.07 6.20
CA ASN A 372 -1.02 -1.40 6.60
C ASN A 372 -1.83 -1.97 5.42
N PRO A 373 -1.30 -3.01 4.75
CA PRO A 373 -1.90 -3.48 3.49
C PRO A 373 -2.94 -4.58 3.70
N MET A 374 -3.39 -5.16 2.60
CA MET A 374 -4.39 -6.24 2.67
C MET A 374 -3.69 -7.56 2.91
N GLU A 375 -4.49 -8.57 3.26
CA GLU A 375 -3.94 -9.92 3.22
C GLU A 375 -3.57 -10.34 1.78
N HIS A 376 -4.02 -9.56 0.78
CA HIS A 376 -3.66 -9.82 -0.64
C HIS A 376 -2.43 -9.04 -1.01
N ALA A 377 -1.30 -9.69 -0.87
CA ALA A 377 -0.03 -9.00 -0.92
C ALA A 377 0.15 -8.27 -2.25
N GLU A 378 -0.06 -8.98 -3.36
CA GLU A 378 0.16 -8.39 -4.70
C GLU A 378 -0.87 -7.31 -5.00
N SER A 379 -2.13 -7.56 -4.66
CA SER A 379 -3.17 -6.58 -4.93
C SER A 379 -2.90 -5.29 -4.15
N SER A 380 -2.21 -5.44 -3.02
CA SER A 380 -1.78 -4.30 -2.20
C SER A 380 -0.72 -3.39 -2.87
N LYS A 381 -0.07 -3.88 -3.94
CA LYS A 381 0.99 -3.12 -4.55
C LYS A 381 0.49 -1.80 -5.14
N ILE A 382 -0.78 -1.72 -5.55
CA ILE A 382 -1.31 -0.47 -6.08
C ILE A 382 -1.24 0.68 -5.07
N ALA A 383 -1.80 0.45 -3.88
CA ALA A 383 -1.74 1.44 -2.80
C ALA A 383 -0.32 1.62 -2.30
N ILE A 384 0.46 0.54 -2.27
CA ILE A 384 1.81 0.61 -1.71
C ILE A 384 2.71 1.56 -2.57
N TYR A 385 2.61 1.39 -3.88
CA TYR A 385 3.35 2.21 -4.82
C TYR A 385 2.95 3.68 -4.68
N SER A 386 1.67 3.89 -4.40
CA SER A 386 1.11 5.22 -4.29
C SER A 386 1.58 5.87 -3.02
N VAL A 387 1.61 5.08 -1.94
CA VAL A 387 2.10 5.58 -0.64
C VAL A 387 3.59 5.97 -0.73
N ALA A 388 4.37 5.11 -1.39
CA ALA A 388 5.78 5.34 -1.65
C ALA A 388 5.95 6.65 -2.37
N SER A 389 5.03 6.94 -3.28
CA SER A 389 5.10 8.18 -4.05
C SER A 389 4.67 9.40 -3.24
N TYR A 390 3.56 9.27 -2.51
CA TYR A 390 3.13 10.29 -1.56
C TYR A 390 4.20 10.61 -0.51
N ALA A 391 4.75 9.60 0.16
CA ALA A 391 5.65 9.86 1.28
C ALA A 391 7.02 10.41 0.86
N TRP A 392 7.47 10.06 -0.35
CA TRP A 392 8.71 10.61 -0.86
C TRP A 392 8.59 12.09 -1.27
N ASN A 393 7.50 12.43 -1.96
CA ASN A 393 7.28 13.79 -2.41
C ASN A 393 5.81 14.22 -2.31
N PRO A 394 5.35 14.44 -1.08
CA PRO A 394 3.93 14.76 -0.91
C PRO A 394 3.51 15.97 -1.70
N ALA A 395 4.33 17.03 -1.68
CA ALA A 395 3.95 18.26 -2.39
C ALA A 395 3.69 18.05 -3.89
N LYS A 396 4.31 17.05 -4.51
CA LYS A 396 4.03 16.76 -5.93
C LYS A 396 3.05 15.61 -6.13
N TYR A 397 2.41 15.16 -5.05
CA TYR A 397 1.61 13.91 -5.10
C TYR A 397 0.35 14.01 -5.93
N ASP A 398 0.28 13.18 -6.97
CA ASP A 398 -0.85 13.15 -7.90
C ASP A 398 -1.62 11.81 -7.74
N THR A 399 -2.75 11.84 -7.04
CA THR A 399 -3.48 10.63 -6.72
C THR A 399 -3.74 9.76 -7.96
N TRP A 400 -4.49 10.33 -8.90
CA TRP A 400 -4.99 9.60 -10.06
C TRP A 400 -3.87 9.15 -10.99
N GLN A 401 -2.90 10.02 -11.27
CA GLN A 401 -1.79 9.64 -12.12
C GLN A 401 -0.93 8.56 -11.46
N THR A 402 -0.87 8.58 -10.12
CA THR A 402 0.01 7.62 -9.45
C THR A 402 -0.63 6.24 -9.44
N TRP A 403 -1.94 6.21 -9.23
CA TRP A 403 -2.76 4.99 -9.41
C TRP A 403 -2.56 4.29 -10.78
N LYS A 404 -2.65 5.06 -11.87
CA LYS A 404 -2.47 4.56 -13.22
C LYS A 404 -1.07 4.04 -13.42
N ASP A 405 -0.05 4.79 -12.96
CA ASP A 405 1.34 4.35 -13.04
C ASP A 405 1.53 3.04 -12.30
N ALA A 406 0.93 2.93 -11.10
CA ALA A 406 1.02 1.70 -10.31
C ALA A 406 0.45 0.51 -11.08
N ILE A 407 -0.70 0.71 -11.70
CA ILE A 407 -1.36 -0.34 -12.42
C ILE A 407 -0.50 -0.75 -13.65
N ARG A 408 0.01 0.25 -14.39
CA ARG A 408 0.82 -0.02 -15.58
C ARG A 408 2.14 -0.70 -15.22
N THR A 409 2.61 -0.47 -14.01
CA THR A 409 3.85 -1.04 -13.47
C THR A 409 3.65 -2.48 -13.04
N ILE A 410 2.56 -2.71 -12.32
CA ILE A 410 2.21 -4.02 -11.81
C ILE A 410 1.71 -4.99 -12.91
N LEU A 411 1.01 -4.48 -13.93
CA LEU A 411 0.46 -5.36 -14.95
C LEU A 411 0.48 -4.70 -16.32
N PRO A 412 1.70 -4.49 -16.88
CA PRO A 412 1.83 -3.80 -18.17
C PRO A 412 1.00 -4.47 -19.27
N SER A 413 1.02 -5.80 -19.35
CA SER A 413 0.30 -6.56 -20.39
C SER A 413 -1.22 -6.35 -20.41
N ALA A 414 -1.80 -5.98 -19.27
CA ALA A 414 -3.27 -5.81 -19.16
C ALA A 414 -3.62 -4.62 -18.26
N ALA A 415 -2.91 -3.51 -18.41
CA ALA A 415 -3.13 -2.34 -17.57
C ALA A 415 -4.54 -1.80 -17.68
N GLU A 416 -5.06 -1.67 -18.90
CA GLU A 416 -6.41 -1.13 -19.07
C GLU A 416 -7.45 -1.99 -18.36
N GLU A 417 -7.26 -3.31 -18.43
CA GLU A 417 -8.14 -4.28 -17.81
C GLU A 417 -8.13 -4.20 -16.29
N LEU A 418 -6.92 -4.10 -15.73
CA LEU A 418 -6.77 -3.93 -14.29
C LEU A 418 -7.36 -2.58 -13.82
N GLU A 419 -7.23 -1.53 -14.63
CA GLU A 419 -7.79 -0.25 -14.29
C GLU A 419 -9.31 -0.34 -14.22
N CYS A 420 -9.89 -0.94 -15.26
CA CYS A 420 -11.33 -1.15 -15.32
C CYS A 420 -11.78 -1.87 -14.06
N PHE A 421 -11.15 -3.01 -13.78
CA PHE A 421 -11.43 -3.77 -12.57
C PHE A 421 -11.29 -2.96 -11.25
N ALA A 422 -10.17 -2.26 -11.12
CA ALA A 422 -9.87 -1.54 -9.90
C ALA A 422 -10.78 -0.34 -9.67
N MET A 423 -11.17 0.35 -10.76
CA MET A 423 -12.12 1.48 -10.71
C MET A 423 -13.42 1.12 -9.98
N HIS A 424 -13.82 -0.15 -10.11
CA HIS A 424 -15.07 -0.62 -9.56
C HIS A 424 -14.90 -1.56 -8.39
N ASN A 425 -13.67 -1.59 -7.85
CA ASN A 425 -13.38 -2.31 -6.63
C ASN A 425 -12.56 -1.49 -5.64
N SER A 426 -13.15 -0.42 -5.14
CA SER A 426 -12.43 0.51 -4.28
C SER A 426 -13.13 0.89 -2.98
N ASP A 427 -14.47 0.90 -2.97
CA ASP A 427 -15.22 1.23 -1.76
C ASP A 427 -15.26 0.08 -0.76
N LEU A 428 -15.30 0.42 0.53
CA LEU A 428 -15.34 -0.62 1.57
C LEU A 428 -16.72 -1.23 1.74
N GLY A 429 -17.74 -0.57 1.19
CA GLY A 429 -19.13 -0.80 1.65
C GLY A 429 -19.27 -0.37 3.12
N PRO A 430 -20.51 -0.36 3.67
CA PRO A 430 -20.78 0.12 5.03
C PRO A 430 -20.06 -0.77 6.04
N ASN A 431 -19.54 -0.19 7.11
CA ASN A 431 -18.71 -0.96 8.01
C ASN A 431 -18.51 -0.31 9.37
N GLY A 432 -17.95 -1.09 10.29
CA GLY A 432 -17.78 -0.78 11.69
C GLY A 432 -16.88 0.40 12.00
N HIS A 433 -16.10 0.86 11.02
CA HIS A 433 -15.32 2.05 11.27
C HIS A 433 -15.90 3.27 10.56
N GLY A 434 -16.98 3.07 9.80
CA GLY A 434 -17.55 4.16 9.03
C GLY A 434 -16.64 4.73 7.94
N TYR A 435 -15.62 3.95 7.54
CA TYR A 435 -14.64 4.43 6.56
C TYR A 435 -15.02 4.02 5.12
N ARG A 436 -15.01 5.00 4.21
CA ARG A 436 -15.47 4.80 2.83
C ARG A 436 -14.48 5.34 1.78
N ARG A 437 -14.55 4.81 0.56
CA ARG A 437 -13.76 5.37 -0.53
C ARG A 437 -14.71 5.55 -1.68
N GLU A 438 -14.32 6.38 -2.63
CA GLU A 438 -15.16 6.62 -3.79
C GLU A 438 -15.00 5.43 -4.76
N GLU A 439 -15.93 5.26 -5.71
CA GLU A 439 -15.91 4.11 -6.63
C GLU A 439 -16.74 4.44 -7.86
N SER A 440 -16.30 3.96 -9.02
CA SER A 440 -17.10 4.09 -10.26
C SER A 440 -17.46 5.53 -10.60
N MET A 441 -16.62 6.47 -10.21
CA MET A 441 -16.87 7.89 -10.47
C MET A 441 -17.11 8.22 -11.92
N ASP A 442 -16.37 7.53 -12.81
CA ASP A 442 -16.49 7.69 -14.25
C ASP A 442 -17.93 7.55 -14.75
N ILE A 443 -18.62 6.50 -14.35
CA ILE A 443 -19.98 6.28 -14.87
C ILE A 443 -21.08 6.73 -13.90
N GLN A 444 -20.71 7.21 -12.72
CA GLN A 444 -21.70 7.65 -11.69
C GLN A 444 -22.78 8.62 -12.20
N PRO A 445 -22.40 9.66 -12.99
CA PRO A 445 -23.46 10.59 -13.42
C PRO A 445 -24.46 9.94 -14.38
N ALA A 446 -23.92 9.16 -15.34
CA ALA A 446 -24.72 8.36 -16.26
C ALA A 446 -25.67 7.41 -15.53
N ALA A 447 -25.14 6.74 -14.50
CA ALA A 447 -25.95 5.88 -13.65
C ALA A 447 -27.10 6.66 -13.02
N GLU A 448 -26.75 7.67 -12.25
CA GLU A 448 -27.69 8.55 -11.53
C GLU A 448 -28.81 9.12 -12.40
N ARG A 449 -28.47 9.60 -13.59
CA ARG A 449 -29.48 10.13 -14.52
C ARG A 449 -30.45 9.04 -14.95
N PHE A 450 -29.90 7.95 -15.48
CA PHE A 450 -30.69 6.82 -15.92
C PHE A 450 -31.68 6.40 -14.84
N LEU A 451 -31.18 6.26 -13.61
CA LEU A 451 -31.99 5.82 -12.48
C LEU A 451 -33.13 6.81 -12.15
N LYS A 452 -32.82 8.11 -12.16
CA LYS A 452 -33.80 9.16 -11.89
C LYS A 452 -34.91 9.13 -12.94
N ALA A 453 -34.54 9.04 -14.21
CA ALA A 453 -35.48 9.15 -15.31
C ALA A 453 -36.38 7.92 -15.40
N PHE A 454 -35.77 6.78 -15.66
CA PHE A 454 -36.42 5.48 -15.74
C PHE A 454 -37.45 5.22 -14.63
N LYS A 455 -37.10 5.58 -13.39
CA LYS A 455 -37.96 5.36 -12.21
C LYS A 455 -39.33 6.05 -12.26
N GLU A 456 -39.47 7.06 -13.11
CA GLU A 456 -40.74 7.81 -13.23
C GLU A 456 -41.38 7.68 -14.62
N GLY A 457 -41.07 6.58 -15.32
CA GLY A 457 -41.62 6.34 -16.66
C GLY A 457 -41.27 7.45 -17.64
N LYS A 458 -40.57 8.46 -17.15
CA LYS A 458 -40.00 9.54 -17.96
C LYS A 458 -38.78 9.00 -18.67
N ASN A 459 -38.75 9.19 -19.98
CA ASN A 459 -37.68 8.69 -20.84
C ASN A 459 -36.27 8.89 -20.24
N TYR A 460 -35.47 7.84 -20.31
CA TYR A 460 -34.06 7.96 -19.97
C TYR A 460 -33.31 8.40 -21.24
N ASP A 461 -32.14 9.01 -21.08
CA ASP A 461 -31.30 9.39 -22.22
C ASP A 461 -30.76 8.15 -22.91
N LYS A 462 -30.77 8.15 -24.23
CA LYS A 462 -30.21 7.04 -25.01
C LYS A 462 -28.70 6.91 -24.76
N ALA A 463 -28.03 8.06 -24.62
CA ALA A 463 -26.58 8.11 -24.40
C ALA A 463 -26.11 7.49 -23.08
N ASP A 464 -26.93 7.62 -22.04
CA ASP A 464 -26.66 7.02 -20.75
C ASP A 464 -26.90 5.52 -20.73
N PHE A 465 -27.93 5.07 -21.44
CA PHE A 465 -28.14 3.64 -21.69
C PHE A 465 -26.89 3.08 -22.36
N GLU A 466 -26.40 3.78 -23.38
CA GLU A 466 -25.26 3.30 -24.12
C GLU A 466 -23.98 3.27 -23.30
N THR A 467 -23.81 4.27 -22.43
CA THR A 467 -22.69 4.30 -21.50
C THR A 467 -22.68 3.06 -20.61
N LEU A 468 -23.86 2.68 -20.12
CA LEU A 468 -23.98 1.55 -19.22
C LEU A 468 -23.72 0.22 -19.93
N GLN A 469 -24.35 0.02 -21.09
CA GLN A 469 -24.07 -1.09 -21.98
C GLN A 469 -22.56 -1.20 -22.21
N TYR A 470 -21.95 -0.08 -22.60
CA TYR A 470 -20.51 0.01 -22.85
C TYR A 470 -19.70 -0.45 -21.65
N THR A 471 -20.10 0.00 -20.46
CA THR A 471 -19.40 -0.37 -19.23
C THR A 471 -19.44 -1.88 -19.01
N PHE A 472 -20.65 -2.46 -19.04
CA PHE A 472 -20.81 -3.90 -18.83
C PHE A 472 -19.97 -4.73 -19.85
N GLU A 473 -19.99 -4.32 -21.12
CA GLU A 473 -19.24 -5.03 -22.15
C GLU A 473 -17.76 -5.02 -21.83
N ARG A 474 -17.28 -3.86 -21.42
CA ARG A 474 -15.90 -3.65 -21.09
C ARG A 474 -15.51 -4.40 -19.82
N MET A 475 -16.42 -4.48 -18.86
CA MET A 475 -16.15 -5.25 -17.66
C MET A 475 -15.93 -6.73 -17.95
N LYS A 476 -16.71 -7.30 -18.88
CA LYS A 476 -16.61 -8.72 -19.20
C LYS A 476 -15.28 -8.99 -19.90
N GLU A 477 -14.91 -8.14 -20.85
CA GLU A 477 -13.62 -8.27 -21.52
C GLU A 477 -12.49 -8.17 -20.50
N SER A 478 -12.59 -7.19 -19.61
CA SER A 478 -11.50 -7.00 -18.64
C SER A 478 -11.39 -8.24 -17.78
N ALA A 479 -12.53 -8.72 -17.28
CA ALA A 479 -12.61 -9.90 -16.43
C ALA A 479 -12.01 -11.14 -17.08
N ASP A 480 -12.35 -11.38 -18.33
CA ASP A 480 -11.83 -12.58 -19.01
C ASP A 480 -10.33 -12.50 -19.35
N ILE A 481 -9.88 -11.31 -19.72
CA ILE A 481 -8.46 -11.11 -19.96
C ILE A 481 -7.69 -11.29 -18.65
N LEU A 482 -8.21 -10.75 -17.56
CA LEU A 482 -7.51 -10.84 -16.29
C LEU A 482 -7.33 -12.30 -15.79
N LEU A 483 -8.37 -13.12 -15.96
CA LEU A 483 -8.37 -14.52 -15.52
C LEU A 483 -7.24 -15.31 -16.16
N MET A 484 -6.93 -14.96 -17.41
CA MET A 484 -6.01 -15.75 -18.19
C MET A 484 -4.63 -15.11 -18.27
N ASN A 485 -4.45 -14.00 -17.53
CA ASN A 485 -3.17 -13.29 -17.59
C ASN A 485 -2.08 -14.03 -16.83
N THR A 486 -0.93 -14.22 -17.46
CA THR A 486 0.15 -14.97 -16.82
C THR A 486 1.42 -14.15 -16.50
N GLU A 487 1.36 -12.84 -16.66
CA GLU A 487 2.46 -11.98 -16.32
C GLU A 487 2.63 -11.82 -14.79
N ASN A 488 1.54 -11.85 -14.04
CA ASN A 488 1.65 -11.78 -12.60
C ASN A 488 0.66 -12.79 -11.98
N LYS A 489 1.05 -14.06 -12.00
CA LYS A 489 0.15 -15.13 -11.53
C LYS A 489 -0.32 -14.96 -10.08
N PRO A 490 0.59 -14.60 -9.15
CA PRO A 490 0.19 -14.36 -7.76
C PRO A 490 -0.94 -13.32 -7.64
N LEU A 491 -0.86 -12.21 -8.35
CA LEU A 491 -1.96 -11.26 -8.41
C LEU A 491 -3.25 -11.89 -8.86
N ILE A 492 -3.21 -12.61 -9.98
CA ILE A 492 -4.44 -13.19 -10.51
C ILE A 492 -5.06 -14.18 -9.53
N VAL A 493 -4.24 -15.02 -8.90
CA VAL A 493 -4.74 -15.95 -7.87
C VAL A 493 -5.48 -15.22 -6.74
N GLU A 494 -4.94 -14.09 -6.27
CA GLU A 494 -5.61 -13.33 -5.22
C GLU A 494 -7.00 -12.84 -5.65
N ILE A 495 -7.11 -12.27 -6.86
CA ILE A 495 -8.35 -11.56 -7.27
C ILE A 495 -9.38 -12.40 -8.01
N THR A 496 -9.04 -13.64 -8.30
CA THR A 496 -9.89 -14.52 -9.12
C THR A 496 -11.34 -14.63 -8.65
N PRO A 497 -11.60 -14.88 -7.36
CA PRO A 497 -12.99 -14.88 -6.94
C PRO A 497 -13.75 -13.59 -7.24
N TRP A 498 -13.12 -12.43 -7.03
CA TRP A 498 -13.76 -11.13 -7.31
C TRP A 498 -13.94 -10.91 -8.82
N VAL A 499 -12.97 -11.40 -9.60
CA VAL A 499 -13.06 -11.26 -11.04
C VAL A 499 -14.25 -12.04 -11.57
N HIS A 500 -14.50 -13.23 -11.02
CA HIS A 500 -15.64 -14.06 -11.40
C HIS A 500 -16.91 -13.37 -11.05
N GLN A 501 -16.95 -12.76 -9.87
CA GLN A 501 -18.14 -12.08 -9.37
C GLN A 501 -18.39 -10.77 -10.15
N PHE A 502 -17.31 -10.11 -10.56
CA PHE A 502 -17.33 -8.86 -11.33
C PHE A 502 -17.85 -9.14 -12.75
N LYS A 503 -17.43 -10.26 -13.33
CA LYS A 503 -17.98 -10.68 -14.60
C LYS A 503 -19.49 -10.98 -14.50
N LEU A 504 -19.85 -11.76 -13.50
CA LEU A 504 -21.23 -12.10 -13.27
C LEU A 504 -22.06 -10.84 -13.11
N THR A 505 -21.50 -9.82 -12.43
CA THR A 505 -22.18 -8.53 -12.27
C THR A 505 -22.42 -7.89 -13.65
N ALA A 506 -21.39 -7.93 -14.51
CA ALA A 506 -21.50 -7.31 -15.82
C ALA A 506 -22.57 -7.97 -16.66
N GLU A 507 -22.69 -9.29 -16.55
CA GLU A 507 -23.70 -10.08 -17.28
C GLU A 507 -25.12 -9.78 -16.80
N MET A 508 -25.27 -9.77 -15.48
CA MET A 508 -26.53 -9.38 -14.89
C MET A 508 -26.97 -8.02 -15.44
N GLY A 509 -26.06 -7.05 -15.49
CA GLY A 509 -26.38 -5.71 -15.96
C GLY A 509 -26.83 -5.67 -17.41
N GLU A 510 -26.16 -6.46 -18.26
CA GLU A 510 -26.53 -6.62 -19.66
C GLU A 510 -27.92 -7.22 -19.84
N GLU A 511 -28.26 -8.22 -19.04
CA GLU A 511 -29.55 -8.86 -19.18
C GLU A 511 -30.66 -7.93 -18.67
N VAL A 512 -30.39 -7.24 -17.57
CA VAL A 512 -31.34 -6.25 -17.05
C VAL A 512 -31.58 -5.15 -18.08
N LEU A 513 -30.54 -4.77 -18.82
CA LEU A 513 -30.75 -3.70 -19.80
C LEU A 513 -31.54 -4.20 -21.02
N LYS A 514 -31.44 -5.50 -21.29
CA LYS A 514 -32.31 -6.11 -22.29
C LYS A 514 -33.75 -6.22 -21.79
N MET A 515 -33.94 -6.33 -20.48
CA MET A 515 -35.27 -6.23 -19.90
C MET A 515 -35.86 -4.83 -20.04
N VAL A 516 -35.06 -3.80 -19.88
CA VAL A 516 -35.49 -2.45 -20.10
C VAL A 516 -35.97 -2.20 -21.52
N GLU A 517 -35.26 -2.75 -22.48
CA GLU A 517 -35.61 -2.63 -23.86
C GLU A 517 -36.65 -3.64 -24.24
N GLY A 518 -37.45 -4.07 -23.29
CA GLY A 518 -38.30 -5.23 -23.40
C GLY A 518 -38.98 -5.27 -24.74
N ARG A 519 -38.67 -6.26 -25.55
CA ARG A 519 -39.23 -6.34 -26.90
C ARG A 519 -40.68 -6.86 -26.88
N ASN A 520 -40.88 -7.98 -26.18
CA ASN A 520 -42.16 -8.67 -26.04
C ASN A 520 -42.15 -9.52 -24.78
N GLU A 521 -43.29 -10.14 -24.46
CA GLU A 521 -43.50 -10.79 -23.17
C GLU A 521 -42.62 -12.02 -22.96
N SER A 522 -42.44 -12.78 -24.03
CA SER A 522 -41.70 -14.02 -23.99
C SER A 522 -40.23 -13.70 -23.69
N TYR A 523 -39.61 -12.93 -24.58
CA TYR A 523 -38.22 -12.51 -24.44
C TYR A 523 -37.90 -11.93 -23.07
N PHE A 524 -38.80 -11.09 -22.57
CA PHE A 524 -38.65 -10.50 -21.25
C PHE A 524 -38.47 -11.59 -20.19
N LEU A 525 -39.35 -12.60 -20.21
CA LEU A 525 -39.34 -13.64 -19.18
C LEU A 525 -38.06 -14.47 -19.24
N ARG A 526 -37.58 -14.72 -20.46
CA ARG A 526 -36.26 -15.34 -20.70
C ARG A 526 -35.15 -14.57 -20.00
N LYS A 527 -35.11 -13.24 -20.21
CA LYS A 527 -34.13 -12.36 -19.56
C LYS A 527 -34.27 -12.38 -18.05
N TYR A 528 -35.51 -12.32 -17.59
CA TYR A 528 -35.83 -12.34 -16.17
C TYR A 528 -35.34 -13.63 -15.52
N ASN A 529 -35.56 -14.77 -16.18
CA ASN A 529 -35.06 -16.05 -15.64
C ASN A 529 -33.54 -16.16 -15.62
N HIS A 530 -32.91 -15.56 -16.61
CA HIS A 530 -31.47 -15.53 -16.69
C HIS A 530 -30.88 -14.67 -15.55
N VAL A 531 -31.48 -13.52 -15.27
CA VAL A 531 -31.04 -12.69 -14.14
C VAL A 531 -31.14 -13.43 -12.78
N LYS A 532 -32.26 -14.12 -12.55
CA LYS A 532 -32.43 -14.92 -11.33
C LYS A 532 -31.36 -15.99 -11.22
N ALA A 533 -31.08 -16.67 -12.33
CA ALA A 533 -30.00 -17.66 -12.36
C ALA A 533 -28.65 -17.02 -12.07
N LEU A 534 -28.44 -15.82 -12.60
CA LEU A 534 -27.17 -15.11 -12.42
C LEU A 534 -27.02 -14.65 -10.98
N GLN A 535 -28.12 -14.17 -10.38
CA GLN A 535 -28.14 -13.80 -8.95
C GLN A 535 -27.66 -14.99 -8.13
N GLN A 536 -28.24 -16.16 -8.42
CA GLN A 536 -27.95 -17.37 -7.67
C GLN A 536 -26.47 -17.82 -7.81
N GLN A 537 -25.86 -17.61 -8.97
CA GLN A 537 -24.42 -17.87 -9.12
C GLN A 537 -23.59 -16.92 -8.24
N MET A 538 -24.01 -15.67 -8.16
CA MET A 538 -23.36 -14.69 -7.28
C MET A 538 -23.45 -15.11 -5.83
N PHE A 539 -24.61 -15.63 -5.43
CA PHE A 539 -24.79 -16.11 -4.09
C PHE A 539 -23.92 -17.32 -3.81
N TYR A 540 -23.84 -18.24 -4.77
CA TYR A 540 -22.97 -19.42 -4.65
C TYR A 540 -21.51 -19.02 -4.39
N ILE A 541 -20.98 -18.08 -5.17
CA ILE A 541 -19.60 -17.62 -4.97
C ILE A 541 -19.43 -16.98 -3.61
N ASP A 542 -20.40 -16.17 -3.21
CA ASP A 542 -20.41 -15.50 -1.92
C ASP A 542 -20.51 -16.48 -0.72
N GLN A 543 -21.17 -17.62 -0.91
CA GLN A 543 -21.22 -18.66 0.14
C GLN A 543 -20.02 -19.60 0.14
N THR A 544 -19.27 -19.66 -0.97
CA THR A 544 -18.19 -20.66 -1.13
C THR A 544 -16.74 -20.15 -1.29
N SER A 545 -16.53 -18.98 -1.88
CA SER A 545 -15.19 -18.35 -1.84
C SER A 545 -14.95 -17.41 -0.66
N ASN A 546 -13.69 -17.28 -0.28
CA ASN A 546 -13.26 -16.34 0.76
C ASN A 546 -14.10 -16.49 2.03
N GLN A 547 -14.26 -17.73 2.50
CA GLN A 547 -14.99 -17.91 3.74
C GLN A 547 -14.06 -17.55 4.91
N ASN A 548 -14.59 -16.74 5.82
CA ASN A 548 -13.89 -16.28 7.00
C ASN A 548 -14.96 -15.93 8.04
N PRO A 549 -14.61 -16.05 9.34
CA PRO A 549 -15.65 -15.87 10.38
C PRO A 549 -16.29 -14.50 10.39
N TYR A 550 -15.68 -13.53 9.72
CA TYR A 550 -16.03 -12.15 9.98
C TYR A 550 -16.84 -11.51 8.86
N GLN A 551 -16.29 -11.48 7.64
CA GLN A 551 -17.07 -11.03 6.48
C GLN A 551 -16.81 -11.99 5.34
N PRO A 552 -17.48 -13.17 5.37
CA PRO A 552 -17.18 -14.21 4.37
C PRO A 552 -17.69 -13.79 2.99
N GLY A 553 -16.99 -14.21 1.94
CA GLY A 553 -17.52 -14.05 0.61
C GLY A 553 -16.85 -13.00 -0.26
N VAL A 554 -17.56 -12.62 -1.33
CA VAL A 554 -16.99 -11.83 -2.40
C VAL A 554 -17.96 -10.79 -2.91
N LYS A 555 -17.68 -9.52 -2.67
CA LYS A 555 -18.50 -8.42 -3.13
C LYS A 555 -17.69 -7.55 -4.07
N THR A 556 -18.36 -7.03 -5.10
CA THR A 556 -17.69 -6.27 -6.12
C THR A 556 -18.64 -5.21 -6.71
N ALA A 557 -18.10 -4.14 -7.28
CA ALA A 557 -18.93 -3.10 -7.90
C ALA A 557 -20.13 -2.68 -6.98
N THR A 558 -19.88 -2.59 -5.70
CA THR A 558 -20.97 -2.43 -4.70
C THR A 558 -21.48 -1.01 -4.51
N ARG A 559 -20.67 0.00 -4.82
CA ARG A 559 -21.09 1.38 -4.56
C ARG A 559 -22.17 1.94 -5.48
N VAL A 560 -21.96 1.79 -6.78
CA VAL A 560 -22.76 2.42 -7.83
C VAL A 560 -23.41 1.36 -8.73
N ILE A 561 -22.61 0.40 -9.20
CA ILE A 561 -23.03 -0.49 -10.28
C ILE A 561 -24.05 -1.55 -9.88
N LYS A 562 -23.81 -2.23 -8.77
CA LYS A 562 -24.70 -3.29 -8.33
C LYS A 562 -26.06 -2.72 -7.82
N PRO A 563 -26.03 -1.61 -7.04
CA PRO A 563 -27.34 -0.95 -6.73
C PRO A 563 -28.07 -0.46 -7.98
N LEU A 564 -27.34 0.05 -8.98
CA LEU A 564 -27.99 0.45 -10.23
C LEU A 564 -28.73 -0.72 -10.86
N ILE A 565 -28.07 -1.87 -10.93
CA ILE A 565 -28.62 -3.09 -11.51
C ILE A 565 -29.78 -3.62 -10.66
N ASP A 566 -29.61 -3.70 -9.34
CA ASP A 566 -30.70 -4.17 -8.48
C ASP A 566 -31.95 -3.33 -8.64
N ARG A 567 -31.78 -2.01 -8.70
CA ARG A 567 -32.94 -1.11 -8.76
C ARG A 567 -33.60 -1.07 -10.12
N THR A 568 -32.80 -0.99 -11.17
CA THR A 568 -33.30 -1.13 -12.52
C THR A 568 -34.11 -2.43 -12.64
N PHE A 569 -33.62 -3.51 -12.03
CA PHE A 569 -34.30 -4.80 -12.08
C PHE A 569 -35.60 -4.76 -11.31
N ALA A 570 -35.55 -4.21 -10.10
CA ALA A 570 -36.75 -4.12 -9.28
C ALA A 570 -37.82 -3.30 -10.01
N THR A 571 -37.41 -2.15 -10.57
CA THR A 571 -38.29 -1.23 -11.29
C THR A 571 -38.95 -1.84 -12.53
N VAL A 572 -38.13 -2.48 -13.38
CA VAL A 572 -38.59 -3.05 -14.64
C VAL A 572 -39.57 -4.23 -14.40
N VAL A 573 -39.40 -4.94 -13.28
CA VAL A 573 -40.27 -6.06 -12.94
C VAL A 573 -41.64 -5.52 -12.46
N LYS A 574 -41.60 -4.43 -11.69
CA LYS A 574 -42.78 -3.70 -11.21
C LYS A 574 -43.67 -3.30 -12.39
N PHE A 575 -43.07 -2.66 -13.41
CA PHE A 575 -43.80 -2.23 -14.59
C PHE A 575 -44.45 -3.42 -15.31
N PHE A 576 -43.75 -4.57 -15.30
CA PHE A 576 -44.24 -5.77 -15.97
C PHE A 576 -45.38 -6.41 -15.21
N ASN A 577 -45.29 -6.41 -13.88
CA ASN A 577 -46.38 -6.92 -13.06
C ASN A 577 -47.64 -6.10 -13.30
N GLN A 578 -47.48 -4.78 -13.39
CA GLN A 578 -48.57 -3.85 -13.68
C GLN A 578 -49.20 -4.08 -15.05
N LYS A 579 -48.36 -4.22 -16.07
CA LYS A 579 -48.83 -4.29 -17.45
C LYS A 579 -49.50 -5.62 -17.82
N PHE A 580 -48.99 -6.72 -17.30
CA PHE A 580 -49.50 -8.06 -17.64
C PHE A 580 -50.18 -8.75 -16.46
N ASN A 581 -50.48 -7.99 -15.41
CA ASN A 581 -51.14 -8.51 -14.21
C ASN A 581 -50.39 -9.68 -13.56
N ALA A 582 -49.08 -9.69 -13.70
CA ALA A 582 -48.28 -10.81 -13.22
C ALA A 582 -47.82 -10.58 -11.78
N HIS A 583 -47.22 -11.62 -11.19
CA HIS A 583 -46.65 -11.51 -9.85
C HIS A 583 -45.23 -12.10 -9.82
N LEU A 584 -44.39 -11.61 -10.73
CA LEU A 584 -42.98 -11.98 -10.76
C LEU A 584 -42.27 -11.39 -9.55
N ASP A 585 -41.43 -12.21 -8.93
CA ASP A 585 -40.60 -11.75 -7.83
C ASP A 585 -39.64 -10.63 -8.29
N ALA A 586 -39.65 -9.53 -7.53
CA ALA A 586 -38.89 -8.33 -7.88
C ALA A 586 -37.67 -8.10 -6.96
N THR A 587 -37.32 -9.08 -6.13
CA THR A 587 -36.23 -8.91 -5.20
C THR A 587 -34.92 -9.48 -5.73
N THR A 588 -33.85 -9.02 -5.11
CA THR A 588 -32.49 -9.32 -5.53
C THR A 588 -31.77 -9.95 -4.33
N ASP A 589 -32.47 -9.90 -3.19
CA ASP A 589 -31.95 -10.29 -1.89
C ASP A 589 -31.67 -11.79 -1.82
#